data_3G4V
#
_entry.id   3G4V
#
_cell.length_a   93.250
_cell.length_b   43.890
_cell.length_c   83.410
_cell.angle_alpha   90.00
_cell.angle_beta   121.84
_cell.angle_gamma   90.00
#
_symmetry.space_group_name_H-M   'C 1 2 1'
#
loop_
_entity.id
_entity.type
_entity.pdbx_description
1 polymer GLOBIN-1
2 non-polymer 'PROTOPORPHYRIN IX CONTAINING FE'
3 non-polymer 'CARBON MONOXIDE'
4 non-polymer 1-chloropentane
5 water water
#
_entity_poly.entity_id   1
_entity_poly.type   'polypeptide(L)'
_entity_poly.pdbx_seq_one_letter_code
;PSVYDAAAQLTADVKKDLRDSWKVIGSDKKGNGVALMTTLFADNQETIGYFKRLGDVSQGMANDKLRGHSITLMYALQNF
IDQLDNPDDLVCVVEKFAVNHITRKISAAEFGKINGPIKKVLASKNFGDKYANAWAKLVAVVQAAL
;
_entity_poly.pdbx_strand_id   A,B
#
# COMPACT_ATOMS: atom_id res chain seq x y z
N SER A 2 2.95 -23.87 -3.43
CA SER A 2 1.52 -23.50 -3.26
C SER A 2 1.38 -22.39 -2.21
N VAL A 3 0.97 -21.21 -2.67
CA VAL A 3 0.79 -20.08 -1.77
C VAL A 3 -0.12 -20.44 -0.59
N TYR A 4 -1.08 -21.33 -0.84
CA TYR A 4 -2.01 -21.75 0.20
C TYR A 4 -1.34 -22.63 1.25
N ASP A 5 -0.45 -23.52 0.82
CA ASP A 5 0.25 -24.38 1.75
C ASP A 5 1.22 -23.51 2.54
N ALA A 6 1.79 -22.51 1.88
CA ALA A 6 2.72 -21.60 2.54
C ALA A 6 1.98 -20.83 3.64
N ALA A 7 0.78 -20.37 3.32
CA ALA A 7 -0.02 -19.62 4.28
C ALA A 7 -0.37 -20.46 5.49
N ALA A 8 -0.50 -21.78 5.30
CA ALA A 8 -0.83 -22.70 6.38
C ALA A 8 0.33 -22.79 7.37
N GLN A 9 1.51 -22.37 6.93
CA GLN A 9 2.71 -22.41 7.76
C GLN A 9 2.70 -21.32 8.81
N LEU A 10 1.75 -20.40 8.73
CA LEU A 10 1.67 -19.29 9.68
C LEU A 10 0.83 -19.68 10.90
N THR A 11 1.43 -20.48 11.78
CA THR A 11 0.76 -20.93 12.99
C THR A 11 0.57 -19.80 14.00
N ALA A 12 -0.13 -20.11 15.09
CA ALA A 12 -0.40 -19.13 16.14
C ALA A 12 0.86 -18.46 16.66
N ASP A 13 1.90 -19.26 16.91
CA ASP A 13 3.16 -18.72 17.42
C ASP A 13 3.81 -17.78 16.42
N VAL A 14 3.79 -18.15 15.15
CA VAL A 14 4.38 -17.32 14.10
C VAL A 14 3.65 -16.00 13.97
N LYS A 15 2.32 -16.05 13.92
CA LYS A 15 1.53 -14.83 13.81
C LYS A 15 1.74 -13.91 15.00
N LYS A 16 1.89 -14.48 16.19
CA LYS A 16 2.12 -13.68 17.40
C LYS A 16 3.44 -12.92 17.32
N ASP A 17 4.50 -13.63 16.92
CA ASP A 17 5.82 -12.99 16.81
C ASP A 17 5.83 -11.92 15.72
N LEU A 18 5.04 -12.13 14.66
CA LEU A 18 4.98 -11.14 13.59
C LEU A 18 4.33 -9.87 14.12
N ARG A 19 3.21 -10.03 14.82
CA ARG A 19 2.50 -8.89 15.39
C ARG A 19 3.33 -8.14 16.42
N ASP A 20 3.91 -8.87 17.37
CA ASP A 20 4.71 -8.25 18.41
C ASP A 20 5.86 -7.42 17.83
N SER A 21 6.60 -7.99 16.89
CA SER A 21 7.71 -7.26 16.29
C SER A 21 7.22 -6.12 15.40
N TRP A 22 6.09 -6.31 14.73
CA TRP A 22 5.58 -5.25 13.86
C TRP A 22 5.13 -4.02 14.64
N LYS A 23 4.66 -4.23 15.86
CA LYS A 23 4.23 -3.12 16.70
C LYS A 23 5.37 -2.13 16.89
N VAL A 24 6.58 -2.64 17.05
CA VAL A 24 7.74 -1.79 17.22
C VAL A 24 8.28 -1.23 15.91
N ILE A 25 8.59 -2.09 14.95
CA ILE A 25 9.13 -1.64 13.67
C ILE A 25 8.15 -0.81 12.85
N GLY A 26 6.91 -1.29 12.76
CA GLY A 26 5.90 -0.57 11.99
C GLY A 26 5.59 0.84 12.47
N SER A 27 6.00 1.16 13.69
CA SER A 27 5.73 2.49 14.26
C SER A 27 6.53 3.60 13.58
N ASP A 28 7.63 3.26 12.93
CA ASP A 28 8.44 4.23 12.21
C ASP A 28 8.68 3.70 10.80
N LYS A 29 7.65 3.83 9.97
CA LYS A 29 7.69 3.33 8.60
C LYS A 29 8.72 4.01 7.70
N LYS A 30 8.87 5.32 7.83
CA LYS A 30 9.84 6.02 6.99
C LYS A 30 11.27 5.66 7.36
N GLY A 31 11.56 5.64 8.67
CA GLY A 31 12.90 5.31 9.12
C GLY A 31 13.32 3.88 8.85
N ASN A 32 12.51 2.93 9.32
CA ASN A 32 12.82 1.51 9.13
C ASN A 32 12.64 1.07 7.68
N GLY A 33 11.79 1.77 6.94
CA GLY A 33 11.57 1.43 5.55
C GLY A 33 12.81 1.73 4.74
N VAL A 34 13.38 2.92 4.95
CA VAL A 34 14.59 3.32 4.24
C VAL A 34 15.78 2.49 4.70
N ALA A 35 15.80 2.15 5.99
CA ALA A 35 16.88 1.35 6.55
C ALA A 35 16.88 -0.01 5.86
N LEU A 36 15.68 -0.55 5.64
CA LEU A 36 15.52 -1.82 4.98
C LEU A 36 16.07 -1.78 3.54
N MET A 37 15.68 -0.77 2.79
CA MET A 37 16.11 -0.63 1.40
C MET A 37 17.61 -0.39 1.22
N THR A 38 18.19 0.51 2.01
CA THR A 38 19.61 0.78 1.89
C THR A 38 20.43 -0.45 2.26
N THR A 39 19.97 -1.20 3.26
CA THR A 39 20.67 -2.40 3.67
C THR A 39 20.66 -3.40 2.51
N LEU A 40 19.52 -3.49 1.84
CA LEU A 40 19.37 -4.39 0.69
C LEU A 40 20.36 -4.00 -0.40
N PHE A 41 20.43 -2.71 -0.72
CA PHE A 41 21.34 -2.23 -1.75
C PHE A 41 22.80 -2.39 -1.32
N ALA A 42 23.04 -2.24 -0.02
CA ALA A 42 24.38 -2.35 0.53
C ALA A 42 24.91 -3.78 0.53
N ASP A 43 24.08 -4.73 0.97
CA ASP A 43 24.51 -6.12 1.02
C ASP A 43 24.32 -6.88 -0.30
N ASN A 44 23.40 -6.41 -1.14
CA ASN A 44 23.17 -7.05 -2.43
C ASN A 44 23.18 -6.02 -3.55
N GLN A 45 24.38 -5.59 -3.92
CA GLN A 45 24.56 -4.59 -4.96
C GLN A 45 24.02 -5.00 -6.32
N GLU A 46 23.88 -6.30 -6.55
CA GLU A 46 23.40 -6.78 -7.83
C GLU A 46 21.91 -6.54 -8.05
N THR A 47 21.19 -6.13 -7.00
CA THR A 47 19.75 -5.89 -7.13
C THR A 47 19.46 -4.42 -7.46
N ILE A 48 20.45 -3.55 -7.26
CA ILE A 48 20.29 -2.13 -7.52
C ILE A 48 19.82 -1.81 -8.94
N GLY A 49 20.18 -2.65 -9.91
CA GLY A 49 19.78 -2.41 -11.28
C GLY A 49 18.27 -2.39 -11.48
N TYR A 50 17.55 -3.18 -10.70
CA TYR A 50 16.09 -3.26 -10.80
C TYR A 50 15.38 -1.97 -10.40
N PHE A 51 16.05 -1.16 -9.57
CA PHE A 51 15.47 0.08 -9.07
C PHE A 51 15.92 1.32 -9.82
N LYS A 52 16.04 1.17 -11.14
CA LYS A 52 16.47 2.26 -12.01
C LYS A 52 15.61 3.52 -11.89
N ARG A 53 14.30 3.35 -11.79
CA ARG A 53 13.38 4.50 -11.69
C ARG A 53 13.58 5.38 -10.46
N LEU A 54 14.05 4.80 -9.36
CA LEU A 54 14.26 5.56 -8.13
C LEU A 54 15.46 6.49 -8.18
N GLY A 55 16.28 6.38 -9.22
CA GLY A 55 17.44 7.24 -9.34
C GLY A 55 18.63 6.79 -8.52
N ASP A 56 19.33 7.75 -7.92
CA ASP A 56 20.51 7.46 -7.12
C ASP A 56 20.12 7.02 -5.69
N VAL A 57 20.06 5.71 -5.48
CA VAL A 57 19.70 5.15 -4.19
C VAL A 57 20.73 5.34 -3.08
N SER A 58 21.96 5.67 -3.45
CA SER A 58 23.01 5.87 -2.43
C SER A 58 22.73 7.12 -1.62
N GLN A 59 21.78 7.94 -2.08
CA GLN A 59 21.42 9.17 -1.39
C GLN A 59 20.51 8.89 -0.20
N GLY A 60 19.99 7.67 -0.15
CA GLY A 60 19.12 7.27 0.95
C GLY A 60 17.91 8.15 1.21
N MET A 61 17.81 8.63 2.45
CA MET A 61 16.71 9.47 2.90
C MET A 61 16.51 10.75 2.09
N ALA A 62 17.59 11.29 1.54
CA ALA A 62 17.52 12.52 0.76
C ALA A 62 16.90 12.33 -0.63
N ASN A 63 16.67 11.07 -0.99
CA ASN A 63 16.09 10.73 -2.29
C ASN A 63 14.57 10.58 -2.12
N ASP A 64 13.82 11.57 -2.59
CA ASP A 64 12.36 11.54 -2.46
C ASP A 64 11.72 10.27 -3.02
N LYS A 65 12.12 9.88 -4.22
CA LYS A 65 11.58 8.68 -4.84
C LYS A 65 11.79 7.46 -3.96
N LEU A 66 13.01 7.31 -3.43
CA LEU A 66 13.31 6.17 -2.57
C LEU A 66 12.50 6.24 -1.28
N ARG A 67 12.36 7.45 -0.74
CA ARG A 67 11.61 7.64 0.50
C ARG A 67 10.14 7.30 0.29
N GLY A 68 9.58 7.76 -0.83
CA GLY A 68 8.19 7.48 -1.13
C GLY A 68 7.98 5.99 -1.33
N HIS A 69 8.94 5.34 -1.98
CA HIS A 69 8.89 3.91 -2.23
C HIS A 69 8.98 3.12 -0.93
N SER A 70 9.94 3.48 -0.09
CA SER A 70 10.17 2.82 1.19
C SER A 70 8.96 2.86 2.11
N ILE A 71 8.34 4.03 2.23
CA ILE A 71 7.16 4.17 3.06
C ILE A 71 6.04 3.26 2.55
N THR A 72 5.81 3.29 1.24
CA THR A 72 4.76 2.48 0.62
C THR A 72 4.98 0.99 0.89
N LEU A 73 6.23 0.56 0.81
CA LEU A 73 6.57 -0.84 1.05
C LEU A 73 6.14 -1.24 2.47
N MET A 74 6.37 -0.35 3.43
CA MET A 74 5.99 -0.65 4.81
C MET A 74 4.47 -0.80 4.94
N TYR A 75 3.72 -0.18 4.04
CA TYR A 75 2.26 -0.28 4.07
C TYR A 75 1.80 -1.58 3.46
N ALA A 76 2.67 -2.21 2.67
CA ALA A 76 2.34 -3.50 2.07
C ALA A 76 2.46 -4.51 3.21
N LEU A 77 3.50 -4.35 4.03
CA LEU A 77 3.72 -5.23 5.16
C LEU A 77 2.60 -5.04 6.18
N GLN A 78 2.13 -3.81 6.31
CA GLN A 78 1.04 -3.50 7.23
C GLN A 78 -0.20 -4.27 6.76
N ASN A 79 -0.38 -4.29 5.44
CA ASN A 79 -1.48 -4.99 4.80
C ASN A 79 -1.44 -6.48 5.18
N PHE A 80 -0.29 -7.11 4.96
CA PHE A 80 -0.13 -8.54 5.27
C PHE A 80 -0.47 -8.85 6.72
N ILE A 81 0.11 -8.08 7.64
CA ILE A 81 -0.13 -8.28 9.06
C ILE A 81 -1.63 -8.25 9.36
N ASP A 82 -2.32 -7.25 8.83
CA ASP A 82 -3.76 -7.10 9.05
C ASP A 82 -4.60 -8.22 8.44
N GLN A 83 -4.04 -8.97 7.49
CA GLN A 83 -4.78 -10.05 6.85
C GLN A 83 -4.47 -11.43 7.44
N LEU A 84 -3.62 -11.48 8.45
CA LEU A 84 -3.24 -12.74 9.08
C LEU A 84 -4.41 -13.57 9.60
N ASP A 85 -5.45 -12.92 10.09
CA ASP A 85 -6.61 -13.64 10.61
C ASP A 85 -7.37 -14.40 9.53
N ASN A 86 -7.31 -13.90 8.30
CA ASN A 86 -8.03 -14.51 7.18
C ASN A 86 -7.09 -14.89 6.04
N PRO A 87 -6.74 -16.18 5.94
CA PRO A 87 -5.84 -16.67 4.88
C PRO A 87 -6.34 -16.45 3.45
N ASP A 88 -7.64 -16.35 3.27
CA ASP A 88 -8.19 -16.13 1.94
C ASP A 88 -7.87 -14.70 1.49
N ASP A 89 -7.93 -13.77 2.44
CA ASP A 89 -7.64 -12.38 2.14
C ASP A 89 -6.14 -12.15 2.09
N LEU A 90 -5.39 -12.88 2.91
CA LEU A 90 -3.95 -12.74 2.91
C LEU A 90 -3.44 -13.18 1.53
N VAL A 91 -3.96 -14.29 1.04
CA VAL A 91 -3.56 -14.82 -0.26
C VAL A 91 -3.84 -13.88 -1.43
N CYS A 92 -5.03 -13.27 -1.46
CA CYS A 92 -5.35 -12.38 -2.57
C CYS A 92 -4.52 -11.09 -2.57
N VAL A 93 -4.11 -10.61 -1.40
CA VAL A 93 -3.28 -9.40 -1.35
C VAL A 93 -1.84 -9.78 -1.71
N VAL A 94 -1.38 -10.95 -1.24
CA VAL A 94 -0.04 -11.41 -1.56
C VAL A 94 0.12 -11.55 -3.07
N GLU A 95 -0.87 -12.17 -3.71
CA GLU A 95 -0.82 -12.36 -5.16
C GLU A 95 -0.85 -11.03 -5.90
N LYS A 96 -1.51 -10.03 -5.33
CA LYS A 96 -1.58 -8.71 -5.95
C LYS A 96 -0.17 -8.12 -5.99
N PHE A 97 0.53 -8.12 -4.87
CA PHE A 97 1.88 -7.58 -4.82
C PHE A 97 2.88 -8.44 -5.59
N ALA A 98 2.60 -9.74 -5.67
CA ALA A 98 3.47 -10.64 -6.39
C ALA A 98 3.48 -10.25 -7.86
N VAL A 99 2.32 -9.87 -8.38
CA VAL A 99 2.21 -9.45 -9.77
C VAL A 99 3.08 -8.23 -10.03
N ASN A 100 3.15 -7.33 -9.06
CA ASN A 100 3.95 -6.13 -9.17
C ASN A 100 5.43 -6.46 -9.35
N HIS A 101 5.87 -7.58 -8.78
CA HIS A 101 7.26 -7.99 -8.90
C HIS A 101 7.48 -8.94 -10.08
N ILE A 102 6.49 -9.76 -10.40
CA ILE A 102 6.61 -10.68 -11.53
C ILE A 102 6.85 -9.85 -12.79
N THR A 103 6.12 -8.73 -12.91
CA THR A 103 6.26 -7.86 -14.06
C THR A 103 7.65 -7.23 -14.11
N ARG A 104 8.29 -7.12 -12.95
CA ARG A 104 9.63 -6.57 -12.87
C ARG A 104 10.67 -7.67 -13.01
N LYS A 105 10.22 -8.87 -13.35
CA LYS A 105 11.12 -10.01 -13.54
C LYS A 105 11.86 -10.43 -12.27
N ILE A 106 11.21 -10.30 -11.12
CA ILE A 106 11.81 -10.67 -9.85
C ILE A 106 11.41 -12.10 -9.50
N SER A 107 12.39 -13.00 -9.42
CA SER A 107 12.13 -14.40 -9.11
C SER A 107 11.97 -14.63 -7.61
N ALA A 108 11.56 -15.85 -7.26
CA ALA A 108 11.37 -16.22 -5.86
C ALA A 108 12.69 -16.12 -5.11
N ALA A 109 13.76 -16.57 -5.76
CA ALA A 109 15.10 -16.56 -5.15
C ALA A 109 15.61 -15.15 -4.88
N GLU A 110 15.47 -14.24 -5.83
CA GLU A 110 15.94 -12.87 -5.64
C GLU A 110 15.07 -12.11 -4.64
N PHE A 111 13.80 -12.47 -4.58
CA PHE A 111 12.89 -11.82 -3.64
C PHE A 111 13.31 -12.23 -2.23
N GLY A 112 13.86 -13.43 -2.12
CA GLY A 112 14.30 -13.94 -0.84
C GLY A 112 15.49 -13.20 -0.26
N LYS A 113 16.18 -12.42 -1.09
CA LYS A 113 17.33 -11.66 -0.64
C LYS A 113 16.95 -10.59 0.38
N ILE A 114 15.65 -10.38 0.56
CA ILE A 114 15.18 -9.39 1.51
C ILE A 114 15.29 -9.92 2.94
N ASN A 115 15.47 -11.24 3.07
CA ASN A 115 15.57 -11.84 4.40
C ASN A 115 16.78 -11.35 5.18
N GLY A 116 17.90 -11.13 4.48
CA GLY A 116 19.10 -10.64 5.14
C GLY A 116 18.83 -9.29 5.77
N PRO A 117 18.44 -8.28 4.97
CA PRO A 117 18.16 -6.95 5.49
C PRO A 117 17.13 -6.96 6.63
N ILE A 118 16.11 -7.79 6.52
CA ILE A 118 15.08 -7.87 7.57
C ILE A 118 15.68 -8.34 8.89
N LYS A 119 16.55 -9.34 8.85
CA LYS A 119 17.17 -9.84 10.06
C LYS A 119 18.04 -8.75 10.71
N LYS A 120 18.73 -7.98 9.88
CA LYS A 120 19.59 -6.92 10.38
C LYS A 120 18.79 -5.77 11.01
N VAL A 121 17.75 -5.33 10.32
CA VAL A 121 16.92 -4.25 10.86
C VAL A 121 16.29 -4.72 12.17
N LEU A 122 15.87 -5.99 12.21
CA LEU A 122 15.28 -6.56 13.41
C LEU A 122 16.29 -6.60 14.56
N ALA A 123 17.50 -7.05 14.24
CA ALA A 123 18.56 -7.17 15.23
C ALA A 123 18.91 -5.83 15.86
N SER A 124 18.95 -4.78 15.04
CA SER A 124 19.29 -3.45 15.53
C SER A 124 18.21 -2.91 16.47
N LYS A 125 17.04 -3.55 16.47
CA LYS A 125 15.95 -3.12 17.34
C LYS A 125 15.85 -4.09 18.52
N ASN A 126 16.81 -5.02 18.57
CA ASN A 126 16.90 -6.02 19.63
C ASN A 126 15.96 -7.22 19.47
N PHE A 127 15.65 -7.57 18.23
CA PHE A 127 14.80 -8.74 17.97
C PHE A 127 15.69 -9.77 17.30
N GLY A 128 15.83 -10.94 17.92
CA GLY A 128 16.69 -11.98 17.39
C GLY A 128 16.15 -12.91 16.33
N ASP A 129 16.96 -13.91 16.00
CA ASP A 129 16.63 -14.93 14.99
C ASP A 129 15.19 -15.40 15.08
N LYS A 130 14.70 -15.58 16.30
CA LYS A 130 13.33 -16.03 16.52
C LYS A 130 12.35 -15.21 15.67
N TYR A 131 12.52 -13.90 15.70
CA TYR A 131 11.66 -13.00 14.95
C TYR A 131 12.03 -12.97 13.47
N ALA A 132 13.32 -13.13 13.18
CA ALA A 132 13.79 -13.14 11.81
C ALA A 132 13.20 -14.33 11.06
N ASN A 133 13.12 -15.46 11.74
CA ASN A 133 12.59 -16.67 11.14
C ASN A 133 11.08 -16.55 10.90
N ALA A 134 10.38 -15.89 11.82
CA ALA A 134 8.94 -15.71 11.69
C ALA A 134 8.67 -14.91 10.41
N TRP A 135 9.50 -13.90 10.16
CA TRP A 135 9.34 -13.08 8.98
C TRP A 135 9.77 -13.78 7.70
N ALA A 136 10.62 -14.80 7.82
CA ALA A 136 11.05 -15.56 6.65
C ALA A 136 9.85 -16.37 6.20
N LYS A 137 9.01 -16.77 7.15
CA LYS A 137 7.81 -17.55 6.87
C LYS A 137 6.82 -16.72 6.06
N LEU A 138 6.65 -15.46 6.45
CA LEU A 138 5.72 -14.58 5.73
C LEU A 138 6.27 -14.29 4.32
N VAL A 139 7.57 -14.05 4.25
CA VAL A 139 8.21 -13.78 2.96
C VAL A 139 8.05 -15.00 2.06
N ALA A 140 8.06 -16.19 2.67
CA ALA A 140 7.92 -17.44 1.93
C ALA A 140 6.56 -17.50 1.21
N VAL A 141 5.54 -16.92 1.83
CA VAL A 141 4.21 -16.91 1.23
C VAL A 141 4.26 -16.13 -0.09
N VAL A 142 4.96 -15.00 -0.09
CA VAL A 142 5.06 -14.20 -1.32
C VAL A 142 5.89 -14.95 -2.35
N GLN A 143 6.96 -15.60 -1.89
CA GLN A 143 7.82 -16.36 -2.79
C GLN A 143 7.04 -17.45 -3.53
N ALA A 144 6.09 -18.05 -2.83
CA ALA A 144 5.27 -19.11 -3.42
C ALA A 144 4.41 -18.60 -4.56
N ALA A 145 4.18 -17.29 -4.59
CA ALA A 145 3.35 -16.69 -5.63
C ALA A 145 4.14 -16.08 -6.78
N LEU A 146 5.46 -16.25 -6.76
CA LEU A 146 6.30 -15.69 -7.82
C LEU A 146 6.63 -16.72 -8.89
N SER B 2 1.85 23.47 -7.83
CA SER B 2 2.58 22.19 -7.61
C SER B 2 1.82 21.30 -6.64
N VAL B 3 2.29 20.06 -6.49
CA VAL B 3 1.67 19.10 -5.58
C VAL B 3 1.85 19.61 -4.15
N TYR B 4 3.01 20.19 -3.88
CA TYR B 4 3.32 20.72 -2.57
C TYR B 4 2.30 21.80 -2.21
N ASP B 5 1.97 22.64 -3.18
CA ASP B 5 0.99 23.72 -2.96
C ASP B 5 -0.36 23.15 -2.57
N ALA B 6 -0.79 22.11 -3.29
CA ALA B 6 -2.07 21.48 -3.01
C ALA B 6 -2.07 20.79 -1.65
N ALA B 7 -0.94 20.23 -1.26
CA ALA B 7 -0.84 19.55 0.03
C ALA B 7 -0.78 20.56 1.17
N ALA B 8 0.14 21.52 1.03
CA ALA B 8 0.33 22.55 2.05
C ALA B 8 -0.94 23.35 2.35
N GLN B 9 -1.92 23.26 1.45
CA GLN B 9 -3.18 23.99 1.63
C GLN B 9 -4.11 23.30 2.62
N LEU B 10 -4.05 21.97 2.69
CA LEU B 10 -4.90 21.19 3.60
C LEU B 10 -4.84 21.78 5.02
N THR B 11 -5.95 22.38 5.44
CA THR B 11 -6.03 23.02 6.76
C THR B 11 -6.36 22.06 7.90
N ALA B 12 -6.21 22.54 9.12
CA ALA B 12 -6.48 21.75 10.31
C ALA B 12 -7.91 21.21 10.33
N ASP B 13 -8.87 22.04 9.89
CA ASP B 13 -10.26 21.62 9.87
C ASP B 13 -10.49 20.52 8.84
N VAL B 14 -9.85 20.64 7.69
CA VAL B 14 -9.98 19.63 6.64
C VAL B 14 -9.33 18.33 7.09
N LYS B 15 -8.14 18.42 7.68
CA LYS B 15 -7.43 17.23 8.16
C LYS B 15 -8.25 16.54 9.24
N LYS B 16 -8.95 17.33 10.05
CA LYS B 16 -9.80 16.79 11.11
C LYS B 16 -10.95 15.98 10.50
N ASP B 17 -11.58 16.52 9.46
CA ASP B 17 -12.69 15.82 8.82
C ASP B 17 -12.22 14.58 8.08
N LEU B 18 -11.01 14.62 7.52
CA LEU B 18 -10.47 13.46 6.82
C LEU B 18 -10.21 12.35 7.82
N ARG B 19 -9.61 12.70 8.95
CA ARG B 19 -9.29 11.73 10.00
C ARG B 19 -10.52 11.13 10.67
N ASP B 20 -11.51 11.95 11.01
CA ASP B 20 -12.72 11.44 11.64
C ASP B 20 -13.50 10.51 10.75
N SER B 21 -13.59 10.81 9.46
CA SER B 21 -14.33 9.96 8.55
C SER B 21 -13.53 8.68 8.23
N TRP B 22 -12.22 8.79 8.18
CA TRP B 22 -11.39 7.63 7.89
C TRP B 22 -11.41 6.63 9.04
N LYS B 23 -11.59 7.13 10.26
CA LYS B 23 -11.65 6.26 11.43
C LYS B 23 -12.72 5.20 11.22
N VAL B 24 -13.86 5.63 10.71
CA VAL B 24 -14.99 4.74 10.44
C VAL B 24 -14.82 3.94 9.16
N ILE B 25 -14.79 4.61 8.02
CA ILE B 25 -14.64 3.92 6.74
C ILE B 25 -13.36 3.09 6.66
N GLY B 26 -12.26 3.64 7.17
CA GLY B 26 -11.00 2.91 7.14
C GLY B 26 -10.95 1.69 8.05
N SER B 27 -11.94 1.51 8.90
CA SER B 27 -11.96 0.36 9.82
C SER B 27 -12.41 -0.93 9.13
N ASP B 28 -13.04 -0.80 7.96
CA ASP B 28 -13.49 -1.96 7.19
C ASP B 28 -12.96 -1.76 5.78
N LYS B 29 -11.67 -2.00 5.61
CA LYS B 29 -11.03 -1.82 4.32
C LYS B 29 -11.54 -2.73 3.23
N LYS B 30 -11.77 -4.00 3.54
CA LYS B 30 -12.28 -4.93 2.54
C LYS B 30 -13.70 -4.57 2.11
N GLY B 31 -14.57 -4.35 3.10
CA GLY B 31 -15.95 -4.02 2.81
C GLY B 31 -16.13 -2.68 2.08
N ASN B 32 -15.50 -1.64 2.60
CA ASN B 32 -15.63 -0.32 1.99
C ASN B 32 -14.80 -0.13 0.74
N GLY B 33 -13.72 -0.89 0.62
CA GLY B 33 -12.88 -0.78 -0.56
C GLY B 33 -13.58 -1.38 -1.77
N VAL B 34 -14.17 -2.56 -1.59
CA VAL B 34 -14.89 -3.22 -2.68
C VAL B 34 -16.12 -2.39 -3.05
N ALA B 35 -16.78 -1.83 -2.05
CA ALA B 35 -17.95 -1.00 -2.29
C ALA B 35 -17.58 0.19 -3.16
N LEU B 36 -16.41 0.76 -2.91
CA LEU B 36 -15.94 1.91 -3.67
C LEU B 36 -15.72 1.57 -5.15
N MET B 37 -15.03 0.45 -5.38
CA MET B 37 -14.73 -0.02 -6.73
C MET B 37 -16.01 -0.39 -7.49
N THR B 38 -16.91 -1.11 -6.83
CA THR B 38 -18.14 -1.52 -7.48
C THR B 38 -18.99 -0.31 -7.84
N THR B 39 -19.03 0.69 -6.96
CA THR B 39 -19.80 1.91 -7.20
C THR B 39 -19.21 2.66 -8.39
N LEU B 40 -17.89 2.66 -8.50
CA LEU B 40 -17.22 3.33 -9.60
C LEU B 40 -17.64 2.68 -10.93
N PHE B 41 -17.66 1.36 -10.96
CA PHE B 41 -18.03 0.63 -12.16
C PHE B 41 -19.51 0.81 -12.50
N ALA B 42 -20.35 0.91 -11.49
CA ALA B 42 -21.79 1.10 -11.72
C ALA B 42 -22.12 2.47 -12.29
N ASP B 43 -21.48 3.50 -11.75
CA ASP B 43 -21.73 4.88 -12.18
C ASP B 43 -20.89 5.34 -13.37
N ASN B 44 -19.72 4.74 -13.54
CA ASN B 44 -18.84 5.09 -14.65
C ASN B 44 -18.41 3.83 -15.39
N GLN B 45 -19.36 3.22 -16.08
CA GLN B 45 -19.12 1.99 -16.82
C GLN B 45 -17.97 2.10 -17.81
N GLU B 46 -17.68 3.32 -18.27
CA GLU B 46 -16.61 3.53 -19.23
C GLU B 46 -15.23 3.20 -18.68
N THR B 47 -15.10 3.09 -17.36
CA THR B 47 -13.80 2.80 -16.75
C THR B 47 -13.48 1.31 -16.61
N ILE B 48 -14.50 0.47 -16.71
CA ILE B 48 -14.32 -0.98 -16.58
C ILE B 48 -13.16 -1.50 -17.44
N GLY B 49 -13.07 -1.01 -18.66
CA GLY B 49 -12.02 -1.45 -19.56
C GLY B 49 -10.61 -1.30 -19.01
N TYR B 50 -10.42 -0.32 -18.12
CA TYR B 50 -9.10 -0.09 -17.54
C TYR B 50 -8.66 -1.18 -16.56
N PHE B 51 -9.62 -1.93 -16.03
CA PHE B 51 -9.34 -2.97 -15.05
C PHE B 51 -9.45 -4.40 -15.57
N LYS B 52 -9.09 -4.61 -16.83
CA LYS B 52 -9.18 -5.95 -17.41
C LYS B 52 -8.35 -7.00 -16.67
N ARG B 53 -7.26 -6.57 -16.03
CA ARG B 53 -6.41 -7.51 -15.29
C ARG B 53 -7.18 -8.16 -14.14
N LEU B 54 -8.18 -7.45 -13.62
CA LEU B 54 -8.96 -7.96 -12.50
C LEU B 54 -10.03 -8.97 -12.89
N GLY B 55 -10.17 -9.22 -14.19
CA GLY B 55 -11.17 -10.18 -14.64
C GLY B 55 -12.58 -9.65 -14.62
N ASP B 56 -13.55 -10.49 -14.25
CA ASP B 56 -14.95 -10.10 -14.20
C ASP B 56 -15.24 -9.34 -12.91
N VAL B 57 -15.22 -8.01 -13.00
CA VAL B 57 -15.48 -7.16 -11.84
C VAL B 57 -16.93 -7.15 -11.37
N SER B 58 -17.81 -7.80 -12.11
CA SER B 58 -19.21 -7.85 -11.71
C SER B 58 -19.37 -8.90 -10.62
N GLN B 59 -18.32 -9.69 -10.41
CA GLN B 59 -18.32 -10.75 -9.39
C GLN B 59 -18.16 -10.19 -7.98
N GLY B 60 -17.75 -8.93 -7.89
CA GLY B 60 -17.58 -8.29 -6.59
C GLY B 60 -16.65 -9.00 -5.62
N MET B 61 -17.10 -9.12 -4.38
CA MET B 61 -16.35 -9.76 -3.30
C MET B 61 -15.81 -11.14 -3.66
N ALA B 62 -16.57 -11.90 -4.43
CA ALA B 62 -16.17 -13.24 -4.83
C ALA B 62 -14.93 -13.24 -5.74
N ASN B 63 -14.68 -12.10 -6.38
CA ASN B 63 -13.53 -11.98 -7.28
C ASN B 63 -12.29 -11.69 -6.43
N ASP B 64 -11.38 -12.66 -6.34
CA ASP B 64 -10.18 -12.53 -5.54
C ASP B 64 -9.25 -11.40 -6.01
N LYS B 65 -9.12 -11.21 -7.31
CA LYS B 65 -8.27 -10.16 -7.84
C LYS B 65 -8.83 -8.78 -7.48
N LEU B 66 -10.15 -8.64 -7.57
CA LEU B 66 -10.78 -7.37 -7.24
C LEU B 66 -10.68 -7.11 -5.75
N ARG B 67 -10.85 -8.17 -4.95
CA ARG B 67 -10.78 -8.05 -3.50
C ARG B 67 -9.37 -7.60 -3.09
N GLY B 68 -8.36 -8.26 -3.65
CA GLY B 68 -6.99 -7.91 -3.34
C GLY B 68 -6.65 -6.49 -3.75
N HIS B 69 -7.17 -6.07 -4.90
CA HIS B 69 -6.93 -4.71 -5.38
C HIS B 69 -7.62 -3.68 -4.48
N SER B 70 -8.87 -3.97 -4.11
CA SER B 70 -9.66 -3.07 -3.28
C SER B 70 -9.07 -2.87 -1.89
N ILE B 71 -8.56 -3.95 -1.30
CA ILE B 71 -7.96 -3.85 0.03
C ILE B 71 -6.69 -3.00 -0.07
N THR B 72 -5.87 -3.29 -1.07
CA THR B 72 -4.63 -2.56 -1.26
C THR B 72 -4.89 -1.07 -1.50
N LEU B 73 -5.96 -0.77 -2.23
CA LEU B 73 -6.30 0.63 -2.50
C LEU B 73 -6.57 1.38 -1.20
N MET B 74 -7.21 0.71 -0.24
CA MET B 74 -7.52 1.32 1.04
C MET B 74 -6.27 1.65 1.85
N TYR B 75 -5.20 0.90 1.63
CA TYR B 75 -3.94 1.14 2.33
C TYR B 75 -3.19 2.31 1.73
N ALA B 76 -3.49 2.61 0.47
CA ALA B 76 -2.86 3.76 -0.19
C ALA B 76 -3.46 4.97 0.50
N LEU B 77 -4.77 4.91 0.77
CA LEU B 77 -5.46 6.01 1.44
C LEU B 77 -5.01 6.07 2.89
N GLN B 78 -4.71 4.90 3.47
CA GLN B 78 -4.24 4.85 4.86
C GLN B 78 -2.91 5.60 4.90
N ASN B 79 -2.10 5.37 3.86
CA ASN B 79 -0.79 5.99 3.73
C ASN B 79 -0.96 7.51 3.69
N PHE B 80 -1.88 7.98 2.84
CA PHE B 80 -2.14 9.41 2.72
C PHE B 80 -2.56 10.02 4.05
N ILE B 81 -3.52 9.39 4.71
CA ILE B 81 -4.01 9.90 5.99
C ILE B 81 -2.91 10.02 7.04
N ASP B 82 -2.02 9.04 7.12
CA ASP B 82 -0.94 9.07 8.09
C ASP B 82 0.11 10.14 7.81
N GLN B 83 0.26 10.53 6.55
CA GLN B 83 1.24 11.55 6.16
C GLN B 83 0.69 12.98 6.15
N LEU B 84 -0.56 13.16 6.53
CA LEU B 84 -1.16 14.50 6.51
C LEU B 84 -0.37 15.62 7.19
N ASP B 85 0.18 15.36 8.38
CA ASP B 85 0.93 16.39 9.09
C ASP B 85 2.32 16.72 8.58
N ASN B 86 2.75 16.03 7.53
CA ASN B 86 4.07 16.30 6.97
C ASN B 86 3.96 16.34 5.45
N PRO B 87 3.62 17.52 4.89
CA PRO B 87 3.47 17.71 3.45
C PRO B 87 4.60 17.09 2.64
N ASP B 88 5.82 17.19 3.14
CA ASP B 88 6.97 16.63 2.45
C ASP B 88 6.81 15.13 2.23
N ASP B 89 6.35 14.43 3.25
CA ASP B 89 6.15 12.99 3.13
C ASP B 89 4.90 12.69 2.29
N LEU B 90 3.85 13.49 2.47
CA LEU B 90 2.62 13.28 1.69
C LEU B 90 2.94 13.43 0.21
N VAL B 91 3.71 14.45 -0.13
CA VAL B 91 4.07 14.70 -1.52
C VAL B 91 4.82 13.54 -2.16
N CYS B 92 5.82 12.99 -1.46
CA CYS B 92 6.58 11.90 -2.05
C CYS B 92 5.78 10.61 -2.23
N VAL B 93 4.80 10.37 -1.36
CA VAL B 93 3.98 9.16 -1.49
C VAL B 93 2.92 9.36 -2.58
N VAL B 94 2.40 10.58 -2.68
CA VAL B 94 1.41 10.92 -3.69
C VAL B 94 2.02 10.80 -5.08
N GLU B 95 3.23 11.31 -5.24
CA GLU B 95 3.90 11.24 -6.53
C GLU B 95 4.21 9.79 -6.89
N LYS B 96 4.40 8.95 -5.88
CA LYS B 96 4.69 7.54 -6.11
C LYS B 96 3.47 6.84 -6.70
N PHE B 97 2.31 7.10 -6.11
CA PHE B 97 1.06 6.50 -6.60
C PHE B 97 0.64 7.12 -7.92
N ALA B 98 1.00 8.37 -8.14
CA ALA B 98 0.66 9.07 -9.38
C ALA B 98 1.29 8.31 -10.55
N VAL B 99 2.55 7.92 -10.39
CA VAL B 99 3.26 7.18 -11.43
C VAL B 99 2.50 5.92 -11.81
N ASN B 100 1.94 5.24 -10.82
CA ASN B 100 1.17 4.02 -11.05
C ASN B 100 0.02 4.27 -12.02
N HIS B 101 -0.62 5.43 -11.89
CA HIS B 101 -1.73 5.76 -12.76
C HIS B 101 -1.31 6.44 -14.05
N ILE B 102 -0.21 7.20 -13.99
CA ILE B 102 0.30 7.87 -15.19
C ILE B 102 0.70 6.80 -16.20
N THR B 103 1.22 5.68 -15.70
CA THR B 103 1.63 4.60 -16.57
C THR B 103 0.42 3.93 -17.23
N ARG B 104 -0.75 4.05 -16.61
CA ARG B 104 -1.97 3.49 -17.17
C ARG B 104 -2.75 4.53 -17.96
N LYS B 105 -2.11 5.67 -18.21
CA LYS B 105 -2.71 6.76 -18.96
C LYS B 105 -3.98 7.31 -18.32
N ILE B 106 -3.97 7.46 -16.99
CA ILE B 106 -5.13 7.99 -16.27
C ILE B 106 -4.89 9.49 -16.06
N SER B 107 -5.74 10.31 -16.68
CA SER B 107 -5.61 11.77 -16.57
C SER B 107 -6.16 12.27 -15.24
N ALA B 108 -5.86 13.53 -14.93
CA ALA B 108 -6.33 14.15 -13.69
C ALA B 108 -7.85 14.18 -13.67
N ALA B 109 -8.44 14.39 -14.84
CA ALA B 109 -9.88 14.45 -14.98
C ALA B 109 -10.54 13.10 -14.70
N GLU B 110 -9.98 12.04 -15.27
CA GLU B 110 -10.53 10.70 -15.08
C GLU B 110 -10.36 10.24 -13.64
N PHE B 111 -9.25 10.63 -13.02
CA PHE B 111 -8.97 10.25 -11.63
C PHE B 111 -10.01 10.89 -10.71
N GLY B 112 -10.49 12.07 -11.09
CA GLY B 112 -11.48 12.77 -10.28
C GLY B 112 -12.84 12.08 -10.27
N LYS B 113 -13.01 11.09 -11.16
CA LYS B 113 -14.27 10.36 -11.21
C LYS B 113 -14.48 9.58 -9.91
N ILE B 114 -13.41 9.45 -9.12
CA ILE B 114 -13.49 8.72 -7.86
C ILE B 114 -14.26 9.51 -6.79
N ASN B 115 -14.45 10.80 -7.00
CA ASN B 115 -15.16 11.63 -6.04
C ASN B 115 -16.62 11.24 -5.86
N GLY B 116 -17.29 10.88 -6.96
CA GLY B 116 -18.68 10.47 -6.88
C GLY B 116 -18.83 9.27 -5.95
N PRO B 117 -18.10 8.18 -6.22
CA PRO B 117 -18.16 6.96 -5.40
C PRO B 117 -17.81 7.24 -3.93
N ILE B 118 -16.77 8.02 -3.71
CA ILE B 118 -16.34 8.36 -2.35
C ILE B 118 -17.48 9.05 -1.61
N LYS B 119 -18.17 9.96 -2.30
CA LYS B 119 -19.28 10.68 -1.70
C LYS B 119 -20.38 9.71 -1.28
N LYS B 120 -20.68 8.75 -2.13
CA LYS B 120 -21.72 7.76 -1.83
C LYS B 120 -21.34 6.87 -0.65
N VAL B 121 -20.07 6.43 -0.61
CA VAL B 121 -19.62 5.58 0.48
C VAL B 121 -19.72 6.36 1.79
N LEU B 122 -19.26 7.60 1.77
CA LEU B 122 -19.32 8.46 2.94
C LEU B 122 -20.76 8.59 3.43
N ALA B 123 -21.67 8.79 2.48
CA ALA B 123 -23.08 8.94 2.80
C ALA B 123 -23.67 7.70 3.45
N SER B 124 -23.27 6.52 3.00
CA SER B 124 -23.79 5.28 3.56
C SER B 124 -23.48 5.19 5.05
N LYS B 125 -22.49 5.97 5.49
CA LYS B 125 -22.10 5.99 6.90
C LYS B 125 -22.51 7.31 7.55
N ASN B 126 -23.35 8.06 6.84
CA ASN B 126 -23.86 9.34 7.31
C ASN B 126 -22.89 10.50 7.42
N PHE B 127 -21.86 10.50 6.56
CA PHE B 127 -20.90 11.59 6.52
C PHE B 127 -21.34 12.45 5.33
N GLY B 128 -21.75 13.68 5.62
CA GLY B 128 -22.25 14.58 4.59
C GLY B 128 -21.31 15.28 3.63
N ASP B 129 -21.85 16.30 2.96
CA ASP B 129 -21.12 17.09 1.97
C ASP B 129 -19.81 17.67 2.47
N LYS B 130 -19.80 18.15 3.71
CA LYS B 130 -18.59 18.72 4.28
C LYS B 130 -17.45 17.69 4.20
N TYR B 131 -17.77 16.45 4.52
CA TYR B 131 -16.77 15.39 4.47
C TYR B 131 -16.41 15.01 3.04
N ALA B 132 -17.40 15.02 2.15
CA ALA B 132 -17.13 14.71 0.75
C ALA B 132 -16.23 15.79 0.17
N ASN B 133 -16.46 17.04 0.57
CA ASN B 133 -15.66 18.15 0.11
C ASN B 133 -14.23 18.01 0.61
N ALA B 134 -14.09 17.52 1.84
CA ALA B 134 -12.78 17.33 2.44
C ALA B 134 -11.98 16.31 1.62
N TRP B 135 -12.63 15.21 1.26
CA TRP B 135 -11.96 14.18 0.49
C TRP B 135 -11.67 14.65 -0.94
N ALA B 136 -12.49 15.57 -1.44
CA ALA B 136 -12.28 16.09 -2.78
C ALA B 136 -10.97 16.85 -2.80
N LYS B 137 -10.64 17.51 -1.68
CA LYS B 137 -9.41 18.27 -1.56
C LYS B 137 -8.18 17.36 -1.56
N LEU B 138 -8.29 16.20 -0.92
CA LEU B 138 -7.17 15.27 -0.87
C LEU B 138 -6.97 14.66 -2.25
N VAL B 139 -8.06 14.39 -2.95
CA VAL B 139 -8.00 13.83 -4.30
C VAL B 139 -7.34 14.84 -5.23
N ALA B 140 -7.59 16.12 -4.98
CA ALA B 140 -7.02 17.19 -5.79
C ALA B 140 -5.50 17.22 -5.66
N VAL B 141 -4.99 16.74 -4.54
CA VAL B 141 -3.53 16.71 -4.33
C VAL B 141 -2.95 15.74 -5.35
N VAL B 142 -3.62 14.60 -5.53
CA VAL B 142 -3.16 13.59 -6.48
C VAL B 142 -3.30 14.13 -7.90
N GLN B 143 -4.41 14.82 -8.17
CA GLN B 143 -4.65 15.38 -9.49
C GLN B 143 -3.55 16.36 -9.88
N ALA B 144 -3.04 17.09 -8.90
CA ALA B 144 -1.99 18.06 -9.16
C ALA B 144 -0.72 17.37 -9.66
N ALA B 145 -0.64 16.06 -9.42
CA ALA B 145 0.52 15.29 -9.85
C ALA B 145 0.28 14.59 -11.19
N LEU B 146 -0.97 14.60 -11.65
CA LEU B 146 -1.32 13.95 -12.91
C LEU B 146 -1.38 14.90 -14.10
#